data_5T79
#
_entry.id   5T79
#
_cell.length_a   94.387
_cell.length_b   94.387
_cell.length_c   91.677
_cell.angle_alpha   90.00
_cell.angle_beta   90.00
_cell.angle_gamma   90.00
#
_symmetry.space_group_name_H-M   'P 4 2 2'
#
loop_
_entity.id
_entity.type
_entity.pdbx_description
1 polymer 'Aldo-keto Reductase, OXIDOREDUCTASE'
2 non-polymer 'SULFATE ION'
3 non-polymer 'CHLORIDE ION'
4 non-polymer 'NADPH DIHYDRO-NICOTINAMIDE-ADENINE-DINUCLEOTIDE PHOSPHATE'
5 water water
#
_entity_poly.entity_id   1
_entity_poly.type   'polypeptide(L)'
_entity_poly.pdbx_seq_one_letter_code
;MIYQPDENRYHTMEYRRCGRSGVKLPAISLGLWHNFGDTTRVENSRALLQRAFDLGITHFDLANNYGPPPGSAECNFGRI
LQEDFLPWRDELIISTKAGYTMWDGPYGDWGSRKYLIASLDQSLKRMGLEYVDIFYHHRPDPETPLKETMKALDHLVRHG
KALYVGISNYPADLARQAIDILEDLGTPCLIHQPKYSLFERWVEDGLLALLQEKGVGSIAFSPLAGGQLTDRYLNGIPED
SRAASGSRFLKPEQITADKLEKVRRLNELAARRGQKLSQMALAWVLRNDNVTSVLIGASKPSQIEDAVGMLANRRFSAAE
CAEIDAILEGRF
;
_entity_poly.pdbx_strand_id   A
#
loop_
_chem_comp.id
_chem_comp.type
_chem_comp.name
_chem_comp.formula
CL non-polymer 'CHLORIDE ION' 'Cl -1'
NDP non-polymer 'NADPH DIHYDRO-NICOTINAMIDE-ADENINE-DINUCLEOTIDE PHOSPHATE' 'C21 H30 N7 O17 P3'
SO4 non-polymer 'SULFATE ION' 'O4 S -2'
#
# COMPACT_ATOMS: atom_id res chain seq x y z
N MET A 1 -10.11 11.33 24.95
CA MET A 1 -11.44 10.73 25.08
C MET A 1 -11.42 9.29 24.57
N ILE A 2 -12.51 8.55 24.78
CA ILE A 2 -12.56 7.17 24.32
C ILE A 2 -13.06 7.13 22.89
N TYR A 3 -12.28 6.54 22.00
CA TYR A 3 -12.63 6.47 20.61
C TYR A 3 -13.78 5.53 20.32
N GLN A 4 -14.75 6.02 19.56
CA GLN A 4 -15.88 5.20 19.13
C GLN A 4 -15.95 5.30 17.61
N PRO A 5 -15.66 4.21 16.87
CA PRO A 5 -15.73 4.28 15.40
C PRO A 5 -17.11 4.72 14.93
N ASP A 6 -17.14 5.51 13.87
CA ASP A 6 -18.35 6.00 13.23
C ASP A 6 -19.21 4.80 12.83
N GLU A 7 -20.49 4.79 13.24
CA GLU A 7 -21.40 3.68 12.98
C GLU A 7 -21.73 3.51 11.47
N ASN A 8 -21.54 4.57 10.65
CA ASN A 8 -21.83 4.51 9.21
C ASN A 8 -20.56 4.30 8.36
N ARG A 9 -19.46 3.85 9.00
CA ARG A 9 -18.17 3.69 8.29
C ARG A 9 -18.25 2.72 7.11
N TYR A 10 -19.12 1.70 7.18
CA TYR A 10 -19.18 0.73 6.07
C TYR A 10 -20.20 1.11 5.01
N HIS A 11 -20.92 2.22 5.19
CA HIS A 11 -21.98 2.58 4.26
C HIS A 11 -21.49 3.19 2.94
N THR A 12 -20.48 4.05 2.97
CA THR A 12 -20.01 4.73 1.76
C THR A 12 -18.84 3.98 1.10
N MET A 13 -17.78 3.61 1.88
CA MET A 13 -16.60 2.95 1.32
C MET A 13 -16.98 1.78 0.42
N GLU A 14 -16.27 1.63 -0.70
CA GLU A 14 -16.40 0.51 -1.62
C GLU A 14 -15.34 -0.49 -1.26
N TYR A 15 -15.70 -1.76 -1.15
CA TYR A 15 -14.75 -2.83 -0.83
C TYR A 15 -14.58 -3.64 -2.10
N ARG A 16 -13.33 -3.96 -2.43
CA ARG A 16 -13.01 -4.59 -3.71
C ARG A 16 -12.31 -5.91 -3.48
N ARG A 17 -12.78 -6.98 -4.16
CA ARG A 17 -12.19 -8.29 -3.96
C ARG A 17 -10.75 -8.31 -4.45
N CYS A 18 -9.86 -8.84 -3.61
CA CYS A 18 -8.42 -8.92 -3.83
C CYS A 18 -8.08 -10.19 -4.60
N GLY A 19 -8.05 -10.08 -5.93
CA GLY A 19 -7.82 -11.19 -6.85
C GLY A 19 -8.87 -12.26 -6.63
N ARG A 20 -8.47 -13.53 -6.65
N ARG A 20 -8.46 -13.54 -6.64
CA ARG A 20 -9.36 -14.66 -6.34
CA ARG A 20 -9.35 -14.66 -6.35
C ARG A 20 -9.02 -15.12 -4.94
C ARG A 20 -9.03 -15.12 -4.94
N SER A 21 -9.72 -14.52 -3.95
CA SER A 21 -9.50 -14.78 -2.52
C SER A 21 -10.74 -14.41 -1.73
N GLY A 22 -10.68 -14.57 -0.41
CA GLY A 22 -11.79 -14.15 0.44
C GLY A 22 -11.68 -12.72 0.94
N VAL A 23 -10.56 -12.04 0.61
CA VAL A 23 -10.29 -10.69 1.15
C VAL A 23 -10.82 -9.62 0.26
N LYS A 24 -11.60 -8.70 0.85
CA LYS A 24 -12.07 -7.49 0.18
C LYS A 24 -11.34 -6.30 0.80
N LEU A 25 -10.61 -5.53 -0.02
CA LEU A 25 -9.91 -4.37 0.53
C LEU A 25 -10.71 -3.10 0.32
N PRO A 26 -10.56 -2.05 1.17
CA PRO A 26 -11.22 -0.78 0.86
C PRO A 26 -10.60 -0.25 -0.43
N ALA A 27 -11.38 0.46 -1.27
CA ALA A 27 -10.83 1.04 -2.52
C ALA A 27 -9.65 1.96 -2.21
N ILE A 28 -9.72 2.64 -1.03
CA ILE A 28 -8.67 3.51 -0.51
C ILE A 28 -8.05 2.84 0.75
N SER A 29 -6.73 2.58 0.75
CA SER A 29 -6.02 2.05 1.94
C SER A 29 -5.07 3.17 2.44
N LEU A 30 -4.67 3.11 3.71
CA LEU A 30 -3.76 4.11 4.27
C LEU A 30 -2.41 3.49 4.58
N GLY A 31 -1.34 4.12 4.08
CA GLY A 31 0.04 3.72 4.33
C GLY A 31 0.66 4.52 5.45
N LEU A 32 1.59 3.90 6.21
CA LEU A 32 2.23 4.55 7.37
C LEU A 32 3.72 4.89 7.09
N TRP A 33 4.10 4.99 5.80
CA TRP A 33 5.47 5.30 5.35
C TRP A 33 5.92 6.62 5.92
N HIS A 34 5.08 7.66 5.87
CA HIS A 34 5.39 8.93 6.49
C HIS A 34 4.30 9.34 7.46
N ASN A 35 4.67 10.18 8.46
CA ASN A 35 3.80 10.82 9.47
C ASN A 35 3.41 9.90 10.63
N PHE A 36 4.11 8.74 10.81
CA PHE A 36 3.83 7.83 11.93
C PHE A 36 5.11 7.55 12.76
N GLY A 37 6.19 8.29 12.50
CA GLY A 37 7.45 8.13 13.21
C GLY A 37 7.55 9.03 14.43
N ASP A 38 8.76 9.12 15.01
CA ASP A 38 9.00 9.93 16.20
C ASP A 38 9.21 11.41 15.85
N THR A 39 9.30 11.74 14.53
CA THR A 39 9.53 13.12 14.08
C THR A 39 8.23 13.86 13.80
N THR A 40 7.09 13.21 14.00
CA THR A 40 5.78 13.84 13.83
C THR A 40 5.04 13.66 15.16
N ARG A 41 3.89 14.31 15.34
CA ARG A 41 3.16 14.26 16.62
C ARG A 41 2.21 13.08 16.64
N VAL A 42 2.22 12.31 17.75
CA VAL A 42 1.34 11.14 17.90
C VAL A 42 -0.13 11.59 17.90
N GLU A 43 -0.43 12.82 18.40
CA GLU A 43 -1.79 13.37 18.33
C GLU A 43 -2.30 13.34 16.88
N ASN A 44 -1.44 13.75 15.92
CA ASN A 44 -1.79 13.76 14.49
C ASN A 44 -1.91 12.35 13.94
N SER A 45 -0.94 11.45 14.25
CA SER A 45 -0.97 10.04 13.81
C SER A 45 -2.29 9.38 14.23
N ARG A 46 -2.70 9.63 15.49
CA ARG A 46 -3.91 9.06 16.07
C ARG A 46 -5.14 9.57 15.31
N ALA A 47 -5.20 10.88 15.05
CA ALA A 47 -6.30 11.53 14.31
C ALA A 47 -6.42 10.94 12.90
N LEU A 48 -5.28 10.68 12.23
CA LEU A 48 -5.27 10.08 10.86
C LEU A 48 -5.86 8.66 10.88
N LEU A 49 -5.39 7.81 11.79
CA LEU A 49 -5.93 6.46 11.89
C LEU A 49 -7.44 6.46 12.23
N GLN A 50 -7.86 7.32 13.17
CA GLN A 50 -9.29 7.36 13.54
C GLN A 50 -10.14 7.88 12.39
N ARG A 51 -9.66 8.92 11.67
CA ARG A 51 -10.47 9.46 10.55
C ARG A 51 -10.58 8.41 9.43
N ALA A 52 -9.46 7.69 9.16
CA ALA A 52 -9.45 6.65 8.12
C ALA A 52 -10.49 5.56 8.42
N PHE A 53 -10.45 4.97 9.64
CA PHE A 53 -11.39 3.90 10.00
C PHE A 53 -12.83 4.40 10.03
N ASP A 54 -13.07 5.66 10.49
CA ASP A 54 -14.42 6.29 10.47
C ASP A 54 -14.96 6.43 9.04
N LEU A 55 -14.07 6.55 8.04
CA LEU A 55 -14.48 6.64 6.63
C LEU A 55 -14.49 5.27 5.93
N GLY A 56 -14.29 4.20 6.70
CA GLY A 56 -14.33 2.83 6.19
C GLY A 56 -13.03 2.25 5.68
N ILE A 57 -11.92 2.95 5.91
CA ILE A 57 -10.61 2.43 5.53
C ILE A 57 -10.19 1.39 6.59
N THR A 58 -10.23 0.11 6.22
CA THR A 58 -9.95 -1.01 7.13
C THR A 58 -8.51 -1.53 6.98
N HIS A 59 -7.76 -1.00 6.00
CA HIS A 59 -6.43 -1.52 5.74
C HIS A 59 -5.34 -0.48 6.00
N PHE A 60 -4.42 -0.80 6.94
CA PHE A 60 -3.27 0.02 7.32
C PHE A 60 -2.02 -0.75 6.92
N ASP A 61 -1.19 -0.11 6.10
CA ASP A 61 0.00 -0.77 5.58
C ASP A 61 1.26 -0.22 6.24
N LEU A 62 2.09 -1.13 6.77
CA LEU A 62 3.34 -0.76 7.44
C LEU A 62 4.49 -1.52 6.80
N ALA A 63 5.69 -1.29 7.31
CA ALA A 63 6.91 -2.02 6.96
C ALA A 63 7.80 -1.90 8.17
N ASN A 64 8.73 -2.82 8.32
CA ASN A 64 9.63 -2.78 9.48
C ASN A 64 10.35 -1.43 9.62
N ASN A 65 10.86 -0.86 8.52
CA ASN A 65 11.72 0.31 8.59
C ASN A 65 10.99 1.65 8.49
N TYR A 66 9.66 1.65 8.56
CA TYR A 66 8.92 2.92 8.51
C TYR A 66 9.13 3.73 9.79
N GLY A 67 9.26 5.03 9.62
CA GLY A 67 9.45 5.97 10.72
C GLY A 67 9.55 7.38 10.18
N PRO A 68 10.65 8.12 10.43
CA PRO A 68 11.85 7.69 11.17
C PRO A 68 11.75 7.88 12.68
N PRO A 69 12.58 7.18 13.49
CA PRO A 69 13.59 6.18 13.09
C PRO A 69 12.96 4.83 12.70
N PRO A 70 13.71 3.91 12.04
CA PRO A 70 13.13 2.62 11.64
C PRO A 70 12.49 1.89 12.82
N GLY A 71 11.30 1.33 12.59
CA GLY A 71 10.53 0.64 13.61
C GLY A 71 9.59 1.51 14.42
N SER A 72 9.75 2.86 14.39
CA SER A 72 8.89 3.75 15.21
C SER A 72 7.43 3.81 14.71
N ALA A 73 7.18 3.69 13.39
CA ALA A 73 5.79 3.68 12.90
C ALA A 73 5.07 2.46 13.44
N GLU A 74 5.74 1.28 13.46
CA GLU A 74 5.14 0.05 14.01
C GLU A 74 4.88 0.23 15.51
N CYS A 75 5.83 0.83 16.23
N CYS A 75 5.83 0.84 16.26
CA CYS A 75 5.71 1.08 17.67
CA CYS A 75 5.62 1.12 17.72
C CYS A 75 4.54 2.06 17.98
C CYS A 75 4.44 2.04 17.94
N ASN A 76 4.39 3.14 17.20
CA ASN A 76 3.32 4.14 17.38
C ASN A 76 1.99 3.57 17.00
N PHE A 77 1.96 2.79 15.90
CA PHE A 77 0.72 2.09 15.49
C PHE A 77 0.29 1.09 16.59
N GLY A 78 1.24 0.33 17.12
CA GLY A 78 1.01 -0.62 18.20
C GLY A 78 0.37 0.01 19.43
N ARG A 79 0.89 1.18 19.84
CA ARG A 79 0.34 1.93 20.99
C ARG A 79 -1.10 2.41 20.69
N ILE A 80 -1.32 3.03 19.51
CA ILE A 80 -2.65 3.56 19.13
C ILE A 80 -3.64 2.38 19.02
N LEU A 81 -3.19 1.26 18.46
CA LEU A 81 -4.03 0.06 18.36
C LEU A 81 -4.50 -0.40 19.77
N GLN A 82 -3.55 -0.50 20.72
CA GLN A 82 -3.85 -0.92 22.10
C GLN A 82 -4.80 0.07 22.78
N GLU A 83 -4.56 1.38 22.59
CA GLU A 83 -5.35 2.40 23.27
C GLU A 83 -6.75 2.59 22.68
N ASP A 84 -6.87 2.54 21.34
CA ASP A 84 -8.13 2.90 20.71
C ASP A 84 -8.80 1.85 19.84
N PHE A 85 -8.07 0.89 19.27
CA PHE A 85 -8.66 0.00 18.27
C PHE A 85 -8.80 -1.48 18.64
N LEU A 86 -8.35 -1.89 19.84
N LEU A 86 -8.36 -1.90 19.84
CA LEU A 86 -8.38 -3.31 20.22
CA LEU A 86 -8.40 -3.31 20.24
C LEU A 86 -9.77 -3.99 20.04
C LEU A 86 -9.77 -3.99 20.03
N PRO A 87 -10.95 -3.39 20.38
CA PRO A 87 -12.23 -4.09 20.14
C PRO A 87 -12.53 -4.29 18.64
N TRP A 88 -11.85 -3.55 17.74
CA TRP A 88 -12.10 -3.66 16.31
C TRP A 88 -10.88 -4.22 15.54
N ARG A 89 -9.92 -4.89 16.23
CA ARG A 89 -8.75 -5.46 15.50
C ARG A 89 -9.21 -6.48 14.43
N ASP A 90 -10.29 -7.24 14.70
CA ASP A 90 -10.73 -8.25 13.73
C ASP A 90 -11.50 -7.61 12.53
N GLU A 91 -11.67 -6.27 12.56
CA GLU A 91 -12.24 -5.51 11.44
C GLU A 91 -11.12 -4.87 10.58
N LEU A 92 -9.84 -5.07 10.97
CA LEU A 92 -8.70 -4.46 10.29
C LEU A 92 -7.85 -5.47 9.55
N ILE A 93 -7.21 -5.00 8.46
CA ILE A 93 -6.20 -5.71 7.69
C ILE A 93 -4.92 -4.94 7.93
N ILE A 94 -4.00 -5.53 8.68
CA ILE A 94 -2.73 -4.92 9.04
C ILE A 94 -1.65 -5.63 8.27
N SER A 95 -0.79 -4.90 7.62
CA SER A 95 0.30 -5.51 6.92
C SER A 95 1.65 -4.99 7.36
N THR A 96 2.66 -5.80 7.14
CA THR A 96 4.04 -5.42 7.33
C THR A 96 4.93 -6.10 6.32
N LYS A 97 6.18 -5.73 6.27
CA LYS A 97 7.10 -6.21 5.29
C LYS A 97 8.56 -6.30 5.78
N ALA A 98 9.34 -7.07 5.06
CA ALA A 98 10.81 -7.18 5.25
C ALA A 98 11.42 -7.33 3.89
N GLY A 99 12.52 -6.65 3.60
CA GLY A 99 13.16 -6.78 2.28
C GLY A 99 14.13 -5.66 1.97
N TYR A 100 13.93 -4.47 2.56
CA TYR A 100 14.84 -3.33 2.48
C TYR A 100 15.68 -3.33 3.75
N THR A 101 16.55 -2.31 3.92
CA THR A 101 17.49 -2.30 5.07
C THR A 101 16.76 -1.98 6.36
N MET A 102 16.93 -2.84 7.39
CA MET A 102 16.33 -2.64 8.71
C MET A 102 17.42 -2.49 9.77
N TRP A 103 18.33 -3.46 9.86
CA TRP A 103 19.43 -3.36 10.84
C TRP A 103 20.73 -3.61 10.09
N ASP A 104 21.86 -3.26 10.71
CA ASP A 104 23.18 -3.38 10.10
C ASP A 104 23.59 -4.84 9.86
N GLY A 105 24.49 -5.05 8.90
CA GLY A 105 25.06 -6.37 8.64
C GLY A 105 24.34 -7.25 7.65
N PRO A 106 24.89 -8.45 7.40
CA PRO A 106 24.34 -9.31 6.33
C PRO A 106 22.98 -9.97 6.60
N TYR A 107 22.40 -9.83 7.80
CA TYR A 107 21.09 -10.48 8.07
C TYR A 107 19.97 -9.46 8.31
N GLY A 108 20.25 -8.16 8.10
CA GLY A 108 19.26 -7.11 8.35
C GLY A 108 18.67 -6.45 7.13
N ASP A 109 18.78 -7.11 6.00
CA ASP A 109 18.33 -6.62 4.71
C ASP A 109 18.11 -7.80 3.79
N TRP A 110 17.50 -7.55 2.65
CA TRP A 110 17.29 -8.57 1.62
C TRP A 110 16.26 -9.68 1.86
N GLY A 111 16.52 -10.87 1.33
CA GLY A 111 15.57 -11.96 1.40
C GLY A 111 15.80 -13.28 2.08
N SER A 112 16.76 -13.37 3.00
CA SER A 112 17.00 -14.66 3.65
C SER A 112 15.85 -15.06 4.56
N ARG A 113 15.74 -16.37 4.82
CA ARG A 113 14.79 -16.92 5.78
C ARG A 113 15.09 -16.33 7.17
N LYS A 114 16.39 -16.19 7.48
CA LYS A 114 16.85 -15.61 8.76
C LYS A 114 16.27 -14.20 8.92
N TYR A 115 16.44 -13.34 7.90
CA TYR A 115 15.96 -11.97 8.01
C TYR A 115 14.43 -11.91 8.11
N LEU A 116 13.70 -12.62 7.22
CA LEU A 116 12.23 -12.55 7.23
C LEU A 116 11.63 -13.04 8.56
N ILE A 117 12.11 -14.18 9.10
CA ILE A 117 11.55 -14.68 10.36
C ILE A 117 11.94 -13.75 11.52
N ALA A 118 13.23 -13.36 11.63
CA ALA A 118 13.64 -12.47 12.73
C ALA A 118 12.92 -11.11 12.62
N SER A 119 12.76 -10.58 11.40
CA SER A 119 12.09 -9.27 11.24
C SER A 119 10.62 -9.33 11.58
N LEU A 120 9.89 -10.38 11.15
CA LEU A 120 8.47 -10.45 11.51
C LEU A 120 8.32 -10.62 13.02
N ASP A 121 9.19 -11.40 13.68
CA ASP A 121 9.15 -11.50 15.14
C ASP A 121 9.30 -10.10 15.77
N GLN A 122 10.25 -9.29 15.27
CA GLN A 122 10.46 -7.91 15.76
C GLN A 122 9.21 -7.08 15.55
N SER A 123 8.63 -7.15 14.33
CA SER A 123 7.43 -6.39 13.94
C SER A 123 6.21 -6.73 14.83
N LEU A 124 5.99 -8.03 15.11
CA LEU A 124 4.86 -8.43 15.95
C LEU A 124 5.02 -7.89 17.39
N LYS A 125 6.28 -7.85 17.88
N LYS A 125 6.27 -7.85 17.88
CA LYS A 125 6.61 -7.35 19.22
CA LYS A 125 6.58 -7.34 19.22
C LYS A 125 6.38 -5.83 19.28
C LYS A 125 6.32 -5.83 19.26
N ARG A 126 6.84 -5.08 18.27
CA ARG A 126 6.66 -3.61 18.22
C ARG A 126 5.17 -3.23 18.12
N MET A 127 4.39 -4.00 17.33
CA MET A 127 2.97 -3.71 17.13
C MET A 127 2.04 -4.33 18.19
N GLY A 128 2.57 -5.23 19.03
CA GLY A 128 1.77 -5.92 20.04
C GLY A 128 0.73 -6.85 19.44
N LEU A 129 1.08 -7.52 18.32
CA LEU A 129 0.13 -8.41 17.64
C LEU A 129 0.51 -9.87 17.74
N GLU A 130 -0.49 -10.78 17.64
N GLU A 130 -0.49 -10.76 17.62
CA GLU A 130 -0.21 -12.21 17.53
CA GLU A 130 -0.27 -12.20 17.56
C GLU A 130 0.21 -12.50 16.07
C GLU A 130 0.10 -12.59 16.11
N TYR A 131 -0.45 -11.83 15.13
CA TYR A 131 -0.17 -12.02 13.69
C TYR A 131 -0.45 -10.77 12.90
N VAL A 132 0.13 -10.68 11.70
CA VAL A 132 -0.26 -9.62 10.76
C VAL A 132 -1.25 -10.28 9.79
N ASP A 133 -2.11 -9.50 9.15
CA ASP A 133 -3.02 -10.05 8.15
C ASP A 133 -2.26 -10.36 6.87
N ILE A 134 -1.28 -9.51 6.53
CA ILE A 134 -0.48 -9.71 5.32
C ILE A 134 0.98 -9.45 5.62
N PHE A 135 1.85 -10.40 5.26
CA PHE A 135 3.30 -10.18 5.40
C PHE A 135 3.90 -10.15 4.01
N TYR A 136 4.69 -9.10 3.68
CA TYR A 136 5.29 -9.02 2.35
C TYR A 136 6.75 -9.24 2.33
N HIS A 137 7.26 -9.78 1.19
CA HIS A 137 8.68 -9.64 0.85
C HIS A 137 8.70 -8.27 0.17
N HIS A 138 9.42 -7.29 0.76
CA HIS A 138 9.37 -5.87 0.38
C HIS A 138 9.95 -5.54 -1.02
N ARG A 139 10.92 -6.34 -1.50
CA ARG A 139 11.52 -6.11 -2.83
C ARG A 139 12.29 -7.34 -3.23
N PRO A 140 12.52 -7.59 -4.53
CA PRO A 140 13.30 -8.76 -4.94
C PRO A 140 14.70 -8.82 -4.32
N ASP A 141 15.20 -10.05 -4.11
CA ASP A 141 16.57 -10.31 -3.68
C ASP A 141 17.18 -11.24 -4.75
N PRO A 142 17.84 -10.69 -5.79
CA PRO A 142 18.34 -11.55 -6.88
C PRO A 142 19.43 -12.58 -6.51
N GLU A 143 20.13 -12.38 -5.37
N GLU A 143 20.15 -12.37 -5.39
CA GLU A 143 21.25 -13.22 -4.95
CA GLU A 143 21.25 -13.24 -4.97
C GLU A 143 20.87 -14.35 -3.96
C GLU A 143 20.82 -14.44 -4.11
N THR A 144 19.61 -14.40 -3.52
CA THR A 144 19.08 -15.46 -2.64
C THR A 144 18.09 -16.28 -3.47
N PRO A 145 18.12 -17.63 -3.43
CA PRO A 145 17.14 -18.41 -4.20
C PRO A 145 15.73 -17.98 -3.86
N LEU A 146 14.92 -17.71 -4.88
CA LEU A 146 13.55 -17.27 -4.61
C LEU A 146 12.79 -18.32 -3.77
N LYS A 147 13.11 -19.61 -3.93
CA LYS A 147 12.45 -20.67 -3.18
C LYS A 147 12.66 -20.50 -1.65
N GLU A 148 13.86 -20.06 -1.20
CA GLU A 148 14.11 -19.88 0.23
C GLU A 148 13.21 -18.78 0.79
N THR A 149 13.13 -17.65 0.06
CA THR A 149 12.32 -16.52 0.50
C THR A 149 10.84 -16.91 0.56
N MET A 150 10.37 -17.63 -0.46
CA MET A 150 8.97 -18.02 -0.53
C MET A 150 8.63 -19.07 0.52
N LYS A 151 9.56 -20.00 0.78
CA LYS A 151 9.39 -21.00 1.83
C LYS A 151 9.32 -20.32 3.23
N ALA A 152 10.07 -19.19 3.45
CA ALA A 152 10.00 -18.42 4.70
C ALA A 152 8.59 -17.81 4.85
N LEU A 153 8.01 -17.30 3.74
CA LEU A 153 6.62 -16.76 3.76
C LEU A 153 5.62 -17.88 4.08
N ASP A 154 5.72 -19.03 3.37
CA ASP A 154 4.88 -20.21 3.61
C ASP A 154 4.98 -20.66 5.08
N HIS A 155 6.22 -20.72 5.62
CA HIS A 155 6.44 -21.11 7.02
C HIS A 155 5.71 -20.18 8.01
N LEU A 156 5.79 -18.85 7.79
CA LEU A 156 5.22 -17.84 8.70
C LEU A 156 3.69 -17.90 8.66
N VAL A 157 3.11 -18.31 7.50
CA VAL A 157 1.65 -18.50 7.45
C VAL A 157 1.27 -19.79 8.19
N ARG A 158 1.98 -20.91 7.88
CA ARG A 158 1.65 -22.20 8.52
C ARG A 158 1.81 -22.15 10.04
N HIS A 159 2.73 -21.32 10.53
N HIS A 159 2.77 -21.34 10.54
CA HIS A 159 2.95 -21.26 11.97
CA HIS A 159 3.10 -21.13 11.97
C HIS A 159 2.29 -19.99 12.60
C HIS A 159 2.14 -20.13 12.68
N GLY A 160 1.24 -19.52 11.92
CA GLY A 160 0.30 -18.52 12.38
C GLY A 160 0.75 -17.11 12.71
N LYS A 161 1.89 -16.68 12.15
CA LYS A 161 2.41 -15.31 12.37
C LYS A 161 1.89 -14.34 11.32
N ALA A 162 1.37 -14.87 10.18
CA ALA A 162 0.71 -14.07 9.12
C ALA A 162 -0.49 -14.84 8.60
N LEU A 163 -1.59 -14.18 8.30
CA LEU A 163 -2.74 -14.89 7.74
C LEU A 163 -2.53 -15.12 6.24
N TYR A 164 -1.95 -14.12 5.56
CA TYR A 164 -1.68 -14.15 4.11
C TYR A 164 -0.32 -13.54 3.85
N VAL A 165 0.16 -13.71 2.62
CA VAL A 165 1.46 -13.16 2.22
C VAL A 165 1.34 -12.42 0.91
N GLY A 166 2.32 -11.55 0.65
CA GLY A 166 2.36 -10.80 -0.60
C GLY A 166 3.78 -10.50 -1.04
N ILE A 167 3.92 -9.91 -2.24
CA ILE A 167 5.21 -9.49 -2.78
C ILE A 167 5.07 -8.03 -3.20
N SER A 168 6.15 -7.30 -3.14
CA SER A 168 6.14 -5.89 -3.52
C SER A 168 7.33 -5.59 -4.41
N ASN A 169 7.15 -4.67 -5.39
CA ASN A 169 8.22 -4.24 -6.31
C ASN A 169 8.80 -5.37 -7.16
N TYR A 170 8.05 -6.47 -7.35
CA TYR A 170 8.53 -7.56 -8.18
C TYR A 170 8.18 -7.31 -9.65
N PRO A 171 9.16 -7.34 -10.58
CA PRO A 171 8.81 -7.21 -12.01
C PRO A 171 7.95 -8.40 -12.43
N ALA A 172 7.23 -8.31 -13.56
CA ALA A 172 6.31 -9.36 -14.00
C ALA A 172 6.93 -10.79 -14.09
N ASP A 173 8.16 -10.92 -14.60
N ASP A 173 8.16 -10.95 -14.61
CA ASP A 173 8.86 -12.20 -14.76
CA ASP A 173 8.77 -12.28 -14.73
C ASP A 173 9.13 -12.85 -13.39
C ASP A 173 9.08 -12.89 -13.36
N LEU A 174 9.61 -12.07 -12.42
CA LEU A 174 9.88 -12.58 -11.07
C LEU A 174 8.58 -12.81 -10.30
N ALA A 175 7.58 -11.93 -10.50
CA ALA A 175 6.27 -12.09 -9.86
C ALA A 175 5.65 -13.43 -10.29
N ARG A 176 5.74 -13.80 -11.60
N ARG A 176 5.74 -13.80 -11.59
CA ARG A 176 5.22 -15.08 -12.09
CA ARG A 176 5.21 -15.08 -12.11
C ARG A 176 5.88 -16.24 -11.32
C ARG A 176 5.87 -16.27 -11.38
N GLN A 177 7.21 -16.24 -11.24
CA GLN A 177 7.98 -17.31 -10.56
C GLN A 177 7.59 -17.44 -9.11
N ALA A 178 7.48 -16.28 -8.40
CA ALA A 178 7.12 -16.23 -6.97
C ALA A 178 5.71 -16.76 -6.73
N ILE A 179 4.74 -16.34 -7.58
CA ILE A 179 3.34 -16.77 -7.47
C ILE A 179 3.26 -18.30 -7.69
N ASP A 180 3.96 -18.81 -8.71
CA ASP A 180 3.91 -20.25 -8.99
C ASP A 180 4.55 -21.09 -7.86
N ILE A 181 5.65 -20.60 -7.25
CA ILE A 181 6.31 -21.28 -6.12
C ILE A 181 5.36 -21.33 -4.92
N LEU A 182 4.74 -20.20 -4.56
CA LEU A 182 3.81 -20.12 -3.43
C LEU A 182 2.59 -20.99 -3.68
N GLU A 183 2.05 -21.01 -4.90
CA GLU A 183 0.90 -21.87 -5.24
C GLU A 183 1.26 -23.36 -5.00
N ASP A 184 2.46 -23.79 -5.47
CA ASP A 184 2.94 -25.18 -5.30
C ASP A 184 3.15 -25.50 -3.82
N LEU A 185 3.60 -24.51 -3.05
CA LEU A 185 3.82 -24.69 -1.61
C LEU A 185 2.50 -24.79 -0.83
N GLY A 186 1.41 -24.28 -1.40
CA GLY A 186 0.10 -24.34 -0.76
C GLY A 186 -0.30 -23.10 0.01
N THR A 187 0.46 -22.00 -0.15
CA THR A 187 0.15 -20.71 0.47
C THR A 187 0.07 -19.72 -0.69
N PRO A 188 -1.08 -19.63 -1.39
CA PRO A 188 -1.13 -18.77 -2.59
C PRO A 188 -0.87 -17.29 -2.28
N CYS A 189 -0.11 -16.63 -3.17
CA CYS A 189 0.17 -15.21 -3.02
C CYS A 189 -1.14 -14.42 -3.02
N LEU A 190 -1.39 -13.63 -1.98
CA LEU A 190 -2.64 -12.86 -1.95
C LEU A 190 -2.59 -11.65 -2.86
N ILE A 191 -1.43 -10.94 -2.84
CA ILE A 191 -1.35 -9.61 -3.40
C ILE A 191 0.05 -9.21 -3.83
N HIS A 192 0.09 -8.24 -4.74
CA HIS A 192 1.30 -7.60 -5.22
C HIS A 192 1.15 -6.12 -4.95
N GLN A 193 2.19 -5.50 -4.39
CA GLN A 193 2.20 -4.08 -4.15
C GLN A 193 3.25 -3.42 -5.06
N PRO A 194 2.81 -2.92 -6.23
CA PRO A 194 3.72 -2.18 -7.11
C PRO A 194 3.56 -0.67 -7.00
N LYS A 195 4.58 0.08 -7.45
CA LYS A 195 4.44 1.52 -7.59
C LYS A 195 3.61 1.78 -8.84
N TYR A 196 2.51 2.56 -8.75
CA TYR A 196 1.64 2.83 -9.90
C TYR A 196 0.94 4.17 -9.76
N SER A 197 1.09 5.02 -10.78
CA SER A 197 0.46 6.35 -10.85
C SER A 197 0.45 6.83 -12.29
N LEU A 198 -0.12 8.01 -12.54
CA LEU A 198 -0.07 8.61 -13.89
C LEU A 198 1.39 8.78 -14.39
N PHE A 199 2.32 8.99 -13.46
CA PHE A 199 3.73 9.22 -13.78
C PHE A 199 4.58 7.94 -13.70
N GLU A 200 3.97 6.80 -13.38
CA GLU A 200 4.72 5.55 -13.31
C GLU A 200 3.84 4.42 -13.76
N ARG A 201 3.89 4.09 -15.06
CA ARG A 201 2.95 3.14 -15.64
C ARG A 201 3.56 1.77 -16.03
N TRP A 202 4.68 1.36 -15.41
CA TRP A 202 5.35 0.10 -15.74
C TRP A 202 4.44 -1.15 -15.59
N VAL A 203 3.51 -1.16 -14.62
CA VAL A 203 2.62 -2.34 -14.38
C VAL A 203 1.74 -2.62 -15.59
N GLU A 204 1.51 -1.60 -16.47
CA GLU A 204 0.68 -1.77 -17.67
C GLU A 204 1.42 -2.53 -18.78
N ASP A 205 2.71 -2.88 -18.55
CA ASP A 205 3.49 -3.63 -19.54
C ASP A 205 3.44 -5.16 -19.33
N GLY A 206 2.48 -5.65 -18.55
CA GLY A 206 2.37 -7.08 -18.33
C GLY A 206 1.99 -7.51 -16.94
N LEU A 207 2.41 -6.78 -15.91
CA LEU A 207 2.09 -7.21 -14.55
C LEU A 207 0.60 -7.29 -14.25
N LEU A 208 -0.19 -6.24 -14.60
CA LEU A 208 -1.63 -6.27 -14.26
C LEU A 208 -2.34 -7.45 -14.95
N ALA A 209 -1.96 -7.75 -16.20
CA ALA A 209 -2.52 -8.88 -16.96
C ALA A 209 -2.13 -10.19 -16.29
N LEU A 210 -0.86 -10.31 -15.84
CA LEU A 210 -0.40 -11.51 -15.14
C LEU A 210 -1.17 -11.71 -13.82
N LEU A 211 -1.34 -10.65 -13.02
CA LEU A 211 -2.03 -10.80 -11.73
C LEU A 211 -3.50 -11.20 -11.93
N GLN A 212 -4.15 -10.63 -12.93
CA GLN A 212 -5.52 -10.98 -13.22
C GLN A 212 -5.59 -12.46 -13.61
N GLU A 213 -4.62 -13.06 -14.62
CA GLU A 213 -4.44 -14.47 -14.90
C GLU A 213 -4.46 -15.32 -13.63
N LYS A 214 -3.46 -14.87 -12.77
CA LYS A 214 -3.12 -15.73 -11.62
C LYS A 214 -4.06 -15.63 -10.41
N GLY A 215 -4.99 -14.70 -10.47
CA GLY A 215 -5.94 -14.44 -9.39
C GLY A 215 -5.29 -13.78 -8.19
N VAL A 216 -4.33 -12.89 -8.44
CA VAL A 216 -3.60 -12.17 -7.39
C VAL A 216 -4.06 -10.70 -7.40
N GLY A 217 -4.30 -10.15 -6.22
CA GLY A 217 -4.73 -8.76 -6.10
C GLY A 217 -3.57 -7.80 -6.28
N SER A 218 -3.89 -6.50 -6.22
CA SER A 218 -2.87 -5.47 -6.37
C SER A 218 -3.25 -4.22 -5.62
N ILE A 219 -2.24 -3.57 -5.03
CA ILE A 219 -2.46 -2.34 -4.27
C ILE A 219 -1.38 -1.32 -4.74
N ALA A 220 -1.82 -0.23 -5.38
CA ALA A 220 -0.91 0.75 -5.95
C ALA A 220 -0.30 1.67 -4.90
N PHE A 221 1.03 1.66 -4.79
CA PHE A 221 1.67 2.56 -3.85
C PHE A 221 2.20 3.76 -4.62
N SER A 222 2.41 4.88 -3.92
N SER A 222 2.42 4.88 -3.91
CA SER A 222 2.79 6.18 -4.46
CA SER A 222 2.81 6.18 -4.49
C SER A 222 1.83 6.55 -5.63
C SER A 222 1.82 6.55 -5.63
N PRO A 223 0.49 6.45 -5.40
CA PRO A 223 -0.47 6.77 -6.49
C PRO A 223 -0.55 8.26 -6.83
N LEU A 224 0.05 9.11 -5.97
CA LEU A 224 0.11 10.55 -6.21
C LEU A 224 1.55 10.94 -6.53
N ALA A 225 2.38 9.95 -6.92
CA ALA A 225 3.80 10.15 -7.27
C ALA A 225 4.52 10.94 -6.15
N GLY A 226 4.28 10.52 -4.91
CA GLY A 226 4.85 11.11 -3.69
C GLY A 226 4.36 12.51 -3.37
N GLY A 227 3.19 12.87 -3.89
CA GLY A 227 2.62 14.19 -3.69
C GLY A 227 2.73 15.13 -4.88
N GLN A 228 3.42 14.71 -5.98
CA GLN A 228 3.51 15.57 -7.18
C GLN A 228 2.14 15.78 -7.82
N LEU A 229 1.31 14.72 -7.82
CA LEU A 229 -0.01 14.75 -8.44
C LEU A 229 -1.06 15.31 -7.46
N THR A 230 -0.77 16.52 -6.93
CA THR A 230 -1.63 17.24 -5.97
C THR A 230 -1.54 18.74 -6.25
N ASP A 231 -2.04 19.55 -5.29
CA ASP A 231 -2.01 21.01 -5.24
C ASP A 231 -0.65 21.55 -4.82
N ARG A 232 0.14 20.73 -4.10
CA ARG A 232 1.42 21.07 -3.47
C ARG A 232 2.30 22.04 -4.30
N TYR A 233 2.60 21.71 -5.57
CA TYR A 233 3.51 22.53 -6.38
C TYR A 233 2.79 23.49 -7.35
N LEU A 234 1.47 23.73 -7.13
CA LEU A 234 0.69 24.65 -7.97
C LEU A 234 0.48 26.01 -7.28
N LEU A 250 11.96 25.42 -7.37
CA LEU A 250 11.74 24.07 -6.88
C LEU A 250 12.88 23.13 -7.29
N LYS A 251 13.42 22.36 -6.32
CA LYS A 251 14.51 21.40 -6.57
C LYS A 251 14.02 20.21 -7.43
N PRO A 252 14.85 19.63 -8.33
CA PRO A 252 14.37 18.50 -9.16
C PRO A 252 13.86 17.32 -8.34
N GLU A 253 14.38 17.18 -7.13
CA GLU A 253 13.94 16.13 -6.25
C GLU A 253 12.45 16.34 -5.95
N GLN A 254 12.03 17.59 -5.78
CA GLN A 254 10.61 17.85 -5.55
C GLN A 254 9.74 17.59 -6.80
N ILE A 255 10.14 18.19 -7.93
CA ILE A 255 9.47 18.02 -9.24
C ILE A 255 10.35 18.63 -10.35
N THR A 256 10.45 17.96 -11.52
CA THR A 256 11.19 18.50 -12.68
C THR A 256 10.30 19.51 -13.42
N ALA A 257 10.89 20.30 -14.33
CA ALA A 257 10.13 21.29 -15.12
C ALA A 257 9.07 20.62 -16.00
N ASP A 258 9.44 19.52 -16.68
N ASP A 258 9.43 19.52 -16.70
CA ASP A 258 8.54 18.76 -17.56
CA ASP A 258 8.50 18.79 -17.58
C ASP A 258 7.38 18.14 -16.79
C ASP A 258 7.36 18.15 -16.78
N LYS A 259 7.65 17.63 -15.58
CA LYS A 259 6.61 17.02 -14.73
C LYS A 259 5.69 18.13 -14.16
N LEU A 260 6.25 19.32 -13.84
CA LEU A 260 5.45 20.42 -13.32
C LEU A 260 4.45 20.90 -14.38
N GLU A 261 4.86 20.95 -15.66
CA GLU A 261 3.97 21.31 -16.77
C GLU A 261 2.87 20.25 -16.94
N LYS A 262 3.19 18.94 -16.74
CA LYS A 262 2.19 17.88 -16.86
C LYS A 262 1.18 18.00 -15.73
N VAL A 263 1.65 18.27 -14.48
CA VAL A 263 0.80 18.45 -13.31
C VAL A 263 -0.19 19.60 -13.55
N ARG A 264 0.30 20.72 -14.07
CA ARG A 264 -0.55 21.88 -14.36
C ARG A 264 -1.67 21.52 -15.34
N ARG A 265 -1.33 20.80 -16.42
CA ARG A 265 -2.30 20.43 -17.47
C ARG A 265 -3.27 19.37 -16.96
N LEU A 266 -2.78 18.40 -16.14
CA LEU A 266 -3.65 17.38 -15.56
C LEU A 266 -4.63 18.03 -14.58
N ASN A 267 -4.17 19.05 -13.81
CA ASN A 267 -5.03 19.77 -12.87
C ASN A 267 -6.17 20.52 -13.61
N GLU A 268 -5.91 21.04 -14.82
CA GLU A 268 -6.96 21.73 -15.61
C GLU A 268 -8.05 20.73 -16.03
N LEU A 269 -7.64 19.49 -16.38
CA LEU A 269 -8.58 18.41 -16.74
C LEU A 269 -9.37 18.02 -15.49
N ALA A 270 -8.71 17.91 -14.31
CA ALA A 270 -9.40 17.59 -13.06
C ALA A 270 -10.44 18.68 -12.75
N ALA A 271 -10.09 19.96 -12.98
CA ALA A 271 -11.01 21.10 -12.78
C ALA A 271 -12.27 20.97 -13.65
N ARG A 272 -12.12 20.56 -14.92
CA ARG A 272 -13.25 20.38 -15.85
C ARG A 272 -14.16 19.26 -15.37
N ARG A 273 -13.57 18.28 -14.64
CA ARG A 273 -14.30 17.14 -14.09
C ARG A 273 -14.94 17.50 -12.71
N GLY A 274 -14.63 18.68 -12.17
CA GLY A 274 -15.15 19.11 -10.88
C GLY A 274 -14.49 18.43 -9.69
N GLN A 275 -13.19 18.14 -9.80
CA GLN A 275 -12.49 17.50 -8.67
C GLN A 275 -11.05 18.00 -8.60
N LYS A 276 -10.39 17.70 -7.47
CA LYS A 276 -8.98 18.05 -7.26
C LYS A 276 -8.12 17.13 -8.11
N LEU A 277 -6.90 17.58 -8.42
CA LEU A 277 -5.99 16.72 -9.17
C LEU A 277 -5.75 15.40 -8.42
N SER A 278 -5.57 15.48 -7.08
CA SER A 278 -5.32 14.28 -6.26
C SER A 278 -6.43 13.26 -6.44
N GLN A 279 -7.68 13.73 -6.47
CA GLN A 279 -8.86 12.86 -6.61
C GLN A 279 -8.89 12.21 -8.00
N MET A 280 -8.59 12.97 -9.06
CA MET A 280 -8.53 12.41 -10.39
C MET A 280 -7.38 11.39 -10.51
N ALA A 281 -6.23 11.68 -9.90
CA ALA A 281 -5.06 10.79 -9.99
C ALA A 281 -5.33 9.43 -9.34
N LEU A 282 -6.04 9.42 -8.18
CA LEU A 282 -6.42 8.16 -7.49
C LEU A 282 -7.45 7.39 -8.31
N ALA A 283 -8.47 8.10 -8.81
CA ALA A 283 -9.52 7.53 -9.64
C ALA A 283 -8.92 6.85 -10.88
N TRP A 284 -7.91 7.50 -11.49
CA TRP A 284 -7.27 7.00 -12.70
C TRP A 284 -6.63 5.62 -12.48
N VAL A 285 -6.03 5.39 -11.31
CA VAL A 285 -5.40 4.10 -11.01
C VAL A 285 -6.42 2.93 -11.08
N LEU A 286 -7.69 3.16 -10.67
CA LEU A 286 -8.72 2.11 -10.68
C LEU A 286 -9.61 2.11 -11.94
N ARG A 287 -9.29 2.92 -12.96
CA ARG A 287 -10.14 3.09 -14.16
C ARG A 287 -10.42 1.80 -14.96
N ASN A 288 -9.49 0.82 -14.95
CA ASN A 288 -9.64 -0.41 -15.75
C ASN A 288 -10.11 -1.60 -14.90
N ASP A 289 -10.53 -1.34 -13.65
CA ASP A 289 -11.01 -2.38 -12.73
C ASP A 289 -10.01 -3.57 -12.66
N ASN A 290 -8.68 -3.27 -12.69
CA ASN A 290 -7.67 -4.33 -12.65
C ASN A 290 -6.58 -4.01 -11.60
N VAL A 291 -6.94 -3.15 -10.64
CA VAL A 291 -6.15 -2.78 -9.45
C VAL A 291 -7.12 -2.87 -8.28
N THR A 292 -6.76 -3.58 -7.22
CA THR A 292 -7.71 -3.75 -6.10
C THR A 292 -7.88 -2.49 -5.30
N SER A 293 -6.77 -1.87 -4.90
CA SER A 293 -6.84 -0.73 -4.00
C SER A 293 -5.74 0.30 -4.31
N VAL A 294 -5.95 1.54 -3.87
N VAL A 294 -5.95 1.52 -3.85
CA VAL A 294 -4.99 2.64 -4.01
CA VAL A 294 -5.01 2.64 -3.96
C VAL A 294 -4.48 2.97 -2.58
C VAL A 294 -4.49 2.91 -2.54
N LEU A 295 -3.16 2.91 -2.37
CA LEU A 295 -2.58 3.09 -1.04
C LEU A 295 -2.07 4.51 -0.91
N ILE A 296 -2.79 5.33 -0.14
CA ILE A 296 -2.42 6.74 0.01
C ILE A 296 -1.51 6.97 1.23
N GLY A 297 -0.80 8.09 1.18
CA GLY A 297 -0.06 8.62 2.32
C GLY A 297 -0.85 9.85 2.77
N ALA A 298 -0.71 10.26 4.03
CA ALA A 298 -1.42 11.46 4.51
C ALA A 298 -0.71 12.08 5.71
N SER A 299 -0.70 13.42 5.76
CA SER A 299 -0.14 14.13 6.90
C SER A 299 -1.28 14.80 7.69
N LYS A 300 -2.47 14.95 7.06
CA LYS A 300 -3.61 15.57 7.70
C LYS A 300 -4.93 14.87 7.31
N PRO A 301 -5.91 14.84 8.25
CA PRO A 301 -7.18 14.14 7.98
C PRO A 301 -7.92 14.59 6.72
N SER A 302 -7.79 15.88 6.33
CA SER A 302 -8.45 16.42 5.13
C SER A 302 -7.99 15.69 3.86
N GLN A 303 -6.73 15.19 3.83
CA GLN A 303 -6.21 14.44 2.68
C GLN A 303 -6.88 13.07 2.56
N ILE A 304 -7.25 12.47 3.69
CA ILE A 304 -7.95 11.19 3.71
C ILE A 304 -9.39 11.44 3.20
N GLU A 305 -10.03 12.52 3.70
CA GLU A 305 -11.40 12.89 3.27
C GLU A 305 -11.41 13.12 1.76
N ASP A 306 -10.37 13.83 1.25
CA ASP A 306 -10.23 14.12 -0.19
C ASP A 306 -10.19 12.81 -0.98
N ALA A 307 -9.35 11.85 -0.56
CA ALA A 307 -9.19 10.56 -1.22
C ALA A 307 -10.50 9.82 -1.28
N VAL A 308 -11.23 9.73 -0.15
CA VAL A 308 -12.52 9.01 -0.09
C VAL A 308 -13.52 9.72 -1.05
N GLY A 309 -13.41 11.04 -1.18
CA GLY A 309 -14.23 11.86 -2.10
C GLY A 309 -14.06 11.55 -3.58
N MET A 310 -12.98 10.85 -3.94
CA MET A 310 -12.67 10.41 -5.31
C MET A 310 -13.72 9.37 -5.80
N LEU A 311 -14.26 8.54 -4.89
CA LEU A 311 -15.21 7.48 -5.24
C LEU A 311 -16.48 8.00 -5.92
N ALA A 312 -16.88 9.26 -5.66
CA ALA A 312 -18.07 9.89 -6.25
C ALA A 312 -17.86 10.32 -7.71
N ASN A 313 -16.61 10.32 -8.20
CA ASN A 313 -16.31 10.82 -9.54
C ASN A 313 -15.07 10.13 -10.09
N ARG A 314 -15.15 8.82 -10.39
CA ARG A 314 -13.96 8.08 -10.86
C ARG A 314 -14.15 7.38 -12.22
N ARG A 315 -15.09 7.87 -13.04
CA ARG A 315 -15.28 7.31 -14.38
C ARG A 315 -14.53 8.15 -15.38
N PHE A 316 -13.91 7.49 -16.37
CA PHE A 316 -13.17 8.14 -17.46
C PHE A 316 -13.67 7.63 -18.79
N SER A 317 -13.85 8.54 -19.76
CA SER A 317 -14.26 8.17 -21.12
C SER A 317 -13.02 7.86 -21.96
N ALA A 318 -13.23 7.30 -23.17
CA ALA A 318 -12.15 7.03 -24.12
C ALA A 318 -11.39 8.32 -24.42
N ALA A 319 -12.15 9.43 -24.68
CA ALA A 319 -11.64 10.77 -24.96
C ALA A 319 -10.78 11.31 -23.81
N GLU A 320 -11.25 11.16 -22.55
CA GLU A 320 -10.49 11.61 -21.37
C GLU A 320 -9.17 10.86 -21.21
N CYS A 321 -9.17 9.54 -21.44
CA CYS A 321 -7.95 8.73 -21.34
C CYS A 321 -6.94 9.13 -22.45
N ALA A 322 -7.45 9.47 -23.65
CA ALA A 322 -6.62 9.96 -24.77
C ALA A 322 -6.04 11.33 -24.42
N GLU A 323 -6.84 12.20 -23.77
CA GLU A 323 -6.44 13.55 -23.33
C GLU A 323 -5.27 13.45 -22.34
N ILE A 324 -5.37 12.52 -21.37
CA ILE A 324 -4.37 12.23 -20.33
C ILE A 324 -3.08 11.71 -20.97
N ASP A 325 -3.18 10.69 -21.86
CA ASP A 325 -2.04 10.10 -22.56
C ASP A 325 -1.29 11.13 -23.39
N ALA A 326 -2.01 12.11 -24.00
CA ALA A 326 -1.41 13.19 -24.78
C ALA A 326 -0.60 14.14 -23.86
N ILE A 327 -1.12 14.46 -22.64
CA ILE A 327 -0.42 15.31 -21.66
C ILE A 327 0.88 14.60 -21.21
N LEU A 328 0.78 13.31 -20.91
CA LEU A 328 1.90 12.49 -20.45
C LEU A 328 2.97 12.29 -21.53
N GLU A 329 2.56 12.31 -22.81
CA GLU A 329 3.46 12.17 -23.96
C GLU A 329 4.31 13.43 -24.19
N GLY A 330 3.85 14.58 -23.69
CA GLY A 330 4.53 15.86 -23.81
C GLY A 330 5.77 15.96 -22.94
S SO4 B . -6.07 3.43 -20.79
O1 SO4 B . -4.64 3.54 -20.54
O2 SO4 B . -6.70 4.60 -20.19
O3 SO4 B . -6.27 3.47 -22.23
O4 SO4 B . -6.53 2.16 -20.25
S SO4 C . 16.58 -18.48 -8.28
O1 SO4 C . 16.72 -19.74 -7.53
O2 SO4 C . 15.83 -17.48 -7.53
O3 SO4 C . 15.86 -18.75 -9.53
O4 SO4 C . 17.92 -17.96 -8.59
CL CL D . -3.42 -10.23 16.35
PA NDP E . 1.01 9.33 -2.01
O1A NDP E . -0.46 9.12 -1.83
O2A NDP E . 1.72 9.19 -3.28
O5B NDP E . 1.47 10.78 -1.47
C5B NDP E . 1.24 10.98 -0.06
C4B NDP E . 1.72 12.33 0.37
O4B NDP E . 1.23 13.34 -0.56
C3B NDP E . 1.21 12.74 1.75
O3B NDP E . 2.16 12.40 2.75
C2B NDP E . 0.98 14.25 1.62
O2B NDP E . 2.20 14.98 1.90
C1B NDP E . 0.64 14.41 0.13
N9A NDP E . -0.79 14.41 -0.16
C8A NDP E . -1.65 13.34 -0.15
N7A NDP E . -2.89 13.65 -0.47
C5A NDP E . -2.84 15.01 -0.70
C6A NDP E . -3.84 15.95 -1.02
N6A NDP E . -5.10 15.64 -1.31
N1A NDP E . -3.46 17.25 -1.10
C2A NDP E . -2.18 17.57 -0.93
N3A NDP E . -1.14 16.76 -0.65
C4A NDP E . -1.55 15.49 -0.53
O3 NDP E . 1.50 8.19 -1.02
PN NDP E . 3.03 7.78 -0.75
O1N NDP E . 3.24 8.49 0.54
O2N NDP E . 3.95 8.04 -1.93
O5D NDP E . 3.14 6.17 -0.58
C5D NDP E . 1.89 5.44 -0.41
C4D NDP E . 2.06 4.29 0.56
O4D NDP E . 2.69 3.19 -0.13
C3D NDP E . 2.95 4.54 1.77
O3D NDP E . 2.22 5.22 2.79
C2D NDP E . 3.43 3.14 2.12
O2D NDP E . 2.64 2.36 3.02
C1D NDP E . 3.53 2.48 0.74
N1N NDP E . 4.88 2.53 0.16
C2N NDP E . 5.47 1.31 -0.15
C3N NDP E . 6.69 1.20 -0.69
C7N NDP E . 7.14 -0.13 -1.26
O7N NDP E . 8.31 -0.16 -1.68
N7N NDP E . 6.35 -1.19 -1.25
C4N NDP E . 7.57 2.43 -0.78
C5N NDP E . 6.78 3.69 -0.69
C6N NDP E . 5.55 3.72 -0.23
P2B NDP E . 2.38 16.31 2.81
O1X NDP E . 3.23 16.18 4.01
O2X NDP E . 2.94 17.29 1.79
O3X NDP E . 0.96 16.76 3.13
HOA2 NDP E . 2.00 9.99 -3.78
H51A NDP E . 0.18 10.82 0.09
H52A NDP E . 1.73 10.22 0.55
H4B NDP E . 2.80 12.41 0.30
H3B NDP E . 0.26 12.26 1.99
HO3A NDP E . 2.97 12.94 2.59
H2B NDP E . 0.17 14.54 2.28
H1B NDP E . 1.06 15.32 -0.29
H8A NDP E . -1.35 12.33 0.12
H61A NDP E . -5.79 16.33 -1.53
H62A NDP E . -5.39 14.66 -1.30
H2A NDP E . -1.94 18.63 -1.03
H21N NDP E . 4.78 7.53 -2.08
H51N NDP E . 1.57 5.05 -1.37
H52N NDP E . 1.12 6.12 -0.04
H4D NDP E . 1.08 3.99 0.90
H3D NDP E . 3.78 5.19 1.51
HO3N NDP E . 2.53 6.17 2.80
H2D NDP E . 4.44 3.24 2.54
HO2N NDP E . 3.17 1.53 3.17
H1D NDP E . 3.18 1.45 0.81
H2N NDP E . 4.93 0.43 0.21
H71N NDP E . 6.70 -2.07 -1.63
H72N NDP E . 5.40 -1.25 -0.91
H41N NDP E . 8.16 2.43 -1.70
H42N NDP E . 8.30 2.43 0.04
H5N NDP E . 7.27 4.60 -1.03
H6N NDP E . 4.98 4.65 -0.17
HOP2 NDP E . 2.38 17.96 1.33
HOP3 NDP E . 0.68 17.69 3.32
#